data_7PVM
#
_entry.id   7PVM
#
loop_
_entity.id
_entity.type
_entity.pdbx_description
1 polymer "5'-3' exoribonuclease"
2 non-polymer 'ZINC ION'
#
_entity_poly.entity_id   1
_entity_poly.type   'polypeptide(L)'
_entity_poly.pdbx_seq_one_letter_code
;GGEAKARLCKLCGQKGHDERSCKGEAKQKQG
;
_entity_poly.pdbx_strand_id   A
#
loop_
_chem_comp.id
_chem_comp.type
_chem_comp.name
_chem_comp.formula
ZN non-polymer 'ZINC ION' 'Zn 2'
#
# COMPACT_ATOMS: atom_id res chain seq x y z
N GLY A 1 8.35 14.98 -9.29
CA GLY A 1 7.05 15.52 -9.64
C GLY A 1 5.90 14.68 -9.14
N GLY A 2 4.80 15.32 -8.79
CA GLY A 2 3.63 14.59 -8.29
C GLY A 2 2.63 15.50 -7.62
N GLU A 3 1.47 15.68 -8.26
CA GLU A 3 0.42 16.52 -7.70
C GLU A 3 -0.78 15.69 -7.29
N ALA A 4 -0.53 14.66 -6.48
CA ALA A 4 -1.60 13.79 -6.01
C ALA A 4 -1.45 13.52 -4.51
N LYS A 5 -2.58 13.52 -3.80
CA LYS A 5 -2.57 13.27 -2.36
C LYS A 5 -2.55 11.77 -2.07
N ALA A 6 -1.37 11.26 -1.76
CA ALA A 6 -1.21 9.84 -1.46
C ALA A 6 0.07 9.59 -0.68
N ARG A 7 -0.03 8.77 0.36
CA ARG A 7 1.12 8.44 1.20
C ARG A 7 1.78 7.15 0.74
N LEU A 8 3.02 6.93 1.18
CA LEU A 8 3.75 5.73 0.82
C LEU A 8 2.99 4.48 1.20
N CYS A 9 3.25 3.39 0.49
CA CYS A 9 2.58 2.12 0.78
C CYS A 9 2.87 1.74 2.23
N LYS A 10 1.83 1.26 2.90
CA LYS A 10 1.94 0.84 4.30
C LYS A 10 2.43 -0.60 4.40
N LEU A 11 2.42 -1.30 3.27
CA LEU A 11 2.86 -2.70 3.24
C LEU A 11 4.19 -2.83 2.51
N CYS A 12 4.46 -1.90 1.60
CA CYS A 12 5.70 -1.93 0.85
C CYS A 12 6.64 -0.86 1.44
N GLY A 13 6.03 0.21 1.93
CA GLY A 13 6.80 1.29 2.53
C GLY A 13 7.57 2.08 1.49
N GLN A 14 7.04 2.14 0.28
CA GLN A 14 7.68 2.87 -0.80
C GLN A 14 6.83 4.04 -1.26
N LYS A 15 7.41 4.92 -2.06
CA LYS A 15 6.71 6.09 -2.57
C LYS A 15 6.22 5.86 -3.99
N GLY A 16 4.93 6.10 -4.22
CA GLY A 16 4.36 5.91 -5.54
C GLY A 16 2.97 5.29 -5.49
N HIS A 17 2.80 4.31 -4.62
CA HIS A 17 1.51 3.64 -4.48
C HIS A 17 1.07 3.61 -3.02
N ASP A 18 -0.01 2.89 -2.75
CA ASP A 18 -0.54 2.79 -1.39
C ASP A 18 -0.97 1.36 -1.08
N GLU A 19 -1.24 1.09 0.20
CA GLU A 19 -1.65 -0.24 0.62
C GLU A 19 -3.03 -0.59 0.04
N ARG A 20 -3.89 0.40 -0.05
CA ARG A 20 -5.23 0.20 -0.58
C ARG A 20 -5.18 -0.43 -1.97
N SER A 21 -4.17 -0.03 -2.75
CA SER A 21 -4.00 -0.54 -4.10
C SER A 21 -3.05 -1.73 -4.12
N CYS A 22 -2.27 -1.88 -3.06
CA CYS A 22 -1.31 -2.98 -2.97
C CYS A 22 -2.09 -4.25 -2.62
N LYS A 23 -1.59 -5.37 -3.14
CA LYS A 23 -2.21 -6.67 -2.91
C LYS A 23 -2.00 -7.12 -1.47
N GLY A 24 -2.99 -6.84 -0.63
CA GLY A 24 -2.89 -7.23 0.77
C GLY A 24 -3.83 -8.37 1.12
N GLU A 25 -4.00 -9.30 0.19
CA GLU A 25 -4.88 -10.45 0.41
C GLU A 25 -4.07 -11.74 0.50
N ALA A 26 -3.63 -12.07 1.71
CA ALA A 26 -2.85 -13.28 1.93
C ALA A 26 -3.72 -14.39 2.52
N LYS A 27 -3.27 -15.63 2.35
CA LYS A 27 -4.01 -16.79 2.86
C LYS A 27 -3.77 -16.97 4.35
N GLN A 28 -4.78 -16.62 5.15
CA GLN A 28 -4.68 -16.75 6.60
C GLN A 28 -5.35 -18.04 7.08
N LYS A 29 -4.58 -19.13 7.10
CA LYS A 29 -5.10 -20.41 7.53
C LYS A 29 -4.08 -21.16 8.39
N GLN A 30 -4.56 -21.85 9.41
CA GLN A 30 -3.67 -22.61 10.30
C GLN A 30 -3.36 -23.98 9.71
N GLY A 31 -2.12 -24.42 9.89
CA GLY A 31 -1.71 -25.72 9.37
C GLY A 31 -0.29 -26.07 9.75
ZN ZN B . 2.98 -1.76 -1.53
N GLY A 1 10.10 14.17 -4.69
CA GLY A 1 9.47 13.55 -3.54
C GLY A 1 8.40 14.42 -2.93
N GLY A 2 7.16 14.19 -3.33
CA GLY A 2 6.05 14.98 -2.81
C GLY A 2 4.84 14.12 -2.46
N GLU A 3 4.60 13.93 -1.17
CA GLU A 3 3.48 13.11 -0.71
C GLU A 3 2.35 14.00 -0.23
N ALA A 4 1.48 14.42 -1.15
CA ALA A 4 0.35 15.27 -0.81
C ALA A 4 -0.96 14.59 -1.17
N LYS A 5 -1.02 14.00 -2.36
CA LYS A 5 -2.22 13.32 -2.82
C LYS A 5 -2.38 11.96 -2.14
N ALA A 6 -1.26 11.24 -2.00
CA ALA A 6 -1.26 9.93 -1.36
C ALA A 6 0.02 9.71 -0.57
N ARG A 7 -0.03 8.76 0.37
CA ARG A 7 1.12 8.44 1.18
C ARG A 7 1.79 7.15 0.72
N LEU A 8 3.01 6.93 1.17
CA LEU A 8 3.76 5.72 0.80
C LEU A 8 2.99 4.47 1.20
N CYS A 9 3.25 3.38 0.48
CA CYS A 9 2.58 2.12 0.77
C CYS A 9 2.86 1.74 2.22
N LYS A 10 1.82 1.26 2.89
CA LYS A 10 1.93 0.84 4.29
C LYS A 10 2.42 -0.59 4.40
N LEU A 11 2.42 -1.30 3.27
CA LEU A 11 2.85 -2.69 3.25
C LEU A 11 4.19 -2.82 2.52
N CYS A 12 4.45 -1.91 1.61
CA CYS A 12 5.69 -1.93 0.85
C CYS A 12 6.63 -0.87 1.44
N GLY A 13 6.02 0.20 1.95
CA GLY A 13 6.80 1.29 2.53
C GLY A 13 7.57 2.07 1.49
N GLN A 14 7.04 2.14 0.28
CA GLN A 14 7.69 2.86 -0.81
C GLN A 14 6.83 4.03 -1.26
N LYS A 15 7.43 4.91 -2.07
CA LYS A 15 6.72 6.08 -2.58
C LYS A 15 6.23 5.85 -4.00
N GLY A 16 4.94 6.08 -4.23
CA GLY A 16 4.38 5.89 -5.56
C GLY A 16 3.00 5.27 -5.51
N HIS A 17 2.80 4.30 -4.63
CA HIS A 17 1.52 3.64 -4.49
C HIS A 17 1.07 3.62 -3.03
N ASP A 18 -0.01 2.88 -2.76
CA ASP A 18 -0.54 2.78 -1.41
C ASP A 18 -0.97 1.35 -1.10
N GLU A 19 -1.23 1.08 0.18
CA GLU A 19 -1.65 -0.25 0.61
C GLU A 19 -3.02 -0.60 0.03
N ARG A 20 -3.88 0.41 -0.07
CA ARG A 20 -5.23 0.21 -0.60
C ARG A 20 -5.18 -0.42 -1.99
N SER A 21 -4.17 -0.05 -2.77
CA SER A 21 -4.01 -0.57 -4.12
C SER A 21 -3.05 -1.77 -4.13
N CYS A 22 -2.27 -1.89 -3.07
CA CYS A 22 -1.32 -2.99 -2.96
C CYS A 22 -2.09 -4.26 -2.62
N LYS A 23 -1.58 -5.38 -3.12
CA LYS A 23 -2.19 -6.68 -2.87
C LYS A 23 -2.01 -7.11 -1.43
N GLY A 24 -3.00 -6.83 -0.60
CA GLY A 24 -2.93 -7.21 0.81
C GLY A 24 -2.67 -8.69 1.00
N GLU A 25 -3.69 -9.50 0.71
CA GLU A 25 -3.57 -10.94 0.86
C GLU A 25 -2.33 -11.47 0.14
N ALA A 26 -1.41 -12.06 0.91
CA ALA A 26 -0.19 -12.61 0.35
C ALA A 26 -0.20 -14.13 0.38
N LYS A 27 -0.50 -14.75 -0.76
CA LYS A 27 -0.54 -16.20 -0.85
C LYS A 27 -1.50 -16.79 0.18
N GLN A 28 -2.70 -16.22 0.25
CA GLN A 28 -3.71 -16.69 1.19
C GLN A 28 -4.78 -17.51 0.47
N LYS A 29 -4.36 -18.57 -0.20
CA LYS A 29 -5.28 -19.44 -0.93
C LYS A 29 -5.25 -20.86 -0.37
N GLN A 30 -6.18 -21.15 0.55
CA GLN A 30 -6.25 -22.46 1.16
C GLN A 30 -6.80 -23.50 0.18
N GLY A 31 -6.05 -24.56 -0.03
CA GLY A 31 -6.48 -25.61 -0.95
C GLY A 31 -6.76 -25.07 -2.34
ZN ZN B . 2.96 -1.76 -1.54
N GLY A 1 -9.03 9.53 -15.38
CA GLY A 1 -9.22 10.46 -14.28
C GLY A 1 -8.06 11.42 -14.14
N GLY A 2 -8.22 12.41 -13.25
CA GLY A 2 -7.17 13.39 -13.06
C GLY A 2 -6.03 12.85 -12.21
N GLU A 3 -5.70 13.55 -11.13
CA GLU A 3 -4.62 13.14 -10.25
C GLU A 3 -5.02 13.32 -8.78
N ALA A 4 -4.11 12.93 -7.88
CA ALA A 4 -4.37 13.05 -6.45
C ALA A 4 -3.12 12.73 -5.65
N LYS A 5 -3.08 13.19 -4.40
CA LYS A 5 -1.95 12.94 -3.52
C LYS A 5 -2.20 11.73 -2.62
N ALA A 6 -1.14 11.00 -2.29
CA ALA A 6 -1.25 9.84 -1.43
C ALA A 6 0.05 9.59 -0.66
N ARG A 7 -0.03 8.77 0.38
CA ARG A 7 1.13 8.45 1.19
C ARG A 7 1.80 7.16 0.73
N LEU A 8 3.02 6.94 1.18
CA LEU A 8 3.77 5.74 0.81
C LEU A 8 3.00 4.48 1.20
N CYS A 9 3.26 3.38 0.49
CA CYS A 9 2.59 2.13 0.78
C CYS A 9 2.87 1.76 2.23
N LYS A 10 1.83 1.27 2.90
CA LYS A 10 1.94 0.86 4.29
C LYS A 10 2.42 -0.58 4.40
N LEU A 11 2.41 -1.29 3.28
CA LEU A 11 2.85 -2.69 3.25
C LEU A 11 4.18 -2.82 2.53
N CYS A 12 4.45 -1.90 1.61
CA CYS A 12 5.69 -1.92 0.85
C CYS A 12 6.63 -0.87 1.44
N GLY A 13 6.02 0.20 1.95
CA GLY A 13 6.80 1.29 2.53
C GLY A 13 7.57 2.08 1.50
N GLN A 14 7.04 2.14 0.28
CA GLN A 14 7.69 2.86 -0.81
C GLN A 14 6.83 4.04 -1.26
N LYS A 15 7.43 4.92 -2.07
CA LYS A 15 6.71 6.09 -2.58
C LYS A 15 6.22 5.85 -4.00
N GLY A 16 4.94 6.10 -4.23
CA GLY A 16 4.36 5.91 -5.55
C GLY A 16 2.98 5.29 -5.50
N HIS A 17 2.80 4.31 -4.62
CA HIS A 17 1.51 3.63 -4.49
C HIS A 17 1.07 3.62 -3.02
N ASP A 18 -0.01 2.89 -2.75
CA ASP A 18 -0.53 2.79 -1.39
C ASP A 18 -0.96 1.36 -1.08
N GLU A 19 -1.23 1.09 0.19
CA GLU A 19 -1.64 -0.24 0.62
C GLU A 19 -3.01 -0.59 0.05
N ARG A 20 -3.88 0.41 -0.05
CA ARG A 20 -5.23 0.20 -0.58
C ARG A 20 -5.17 -0.43 -1.96
N SER A 21 -4.17 -0.05 -2.74
CA SER A 21 -4.01 -0.57 -4.09
C SER A 21 -3.04 -1.76 -4.10
N CYS A 22 -2.26 -1.89 -3.05
CA CYS A 22 -1.30 -2.98 -2.95
C CYS A 22 -2.07 -4.26 -2.61
N LYS A 23 -1.61 -5.36 -3.19
CA LYS A 23 -2.24 -6.66 -2.96
C LYS A 23 -2.05 -7.11 -1.52
N GLY A 24 -3.06 -6.84 -0.69
CA GLY A 24 -3.00 -7.22 0.71
C GLY A 24 -4.21 -8.02 1.15
N GLU A 25 -4.65 -8.95 0.31
CA GLU A 25 -5.80 -9.78 0.62
C GLU A 25 -5.49 -10.76 1.75
N ALA A 26 -6.28 -10.71 2.82
CA ALA A 26 -6.09 -11.60 3.95
C ALA A 26 -7.40 -12.25 4.36
N LYS A 27 -7.29 -13.42 4.99
CA LYS A 27 -8.48 -14.15 5.44
C LYS A 27 -8.86 -13.75 6.87
N GLN A 28 -9.26 -12.50 7.03
CA GLN A 28 -9.65 -11.99 8.33
C GLN A 28 -10.85 -12.76 8.89
N LYS A 29 -10.93 -12.86 10.22
CA LYS A 29 -12.01 -13.57 10.87
C LYS A 29 -13.34 -12.86 10.66
N GLN A 30 -14.43 -13.61 10.71
CA GLN A 30 -15.77 -13.04 10.52
C GLN A 30 -16.60 -13.19 11.80
N GLY A 31 -16.69 -12.10 12.57
CA GLY A 31 -17.46 -12.13 13.80
C GLY A 31 -18.76 -11.36 13.68
ZN ZN B . 2.98 -1.76 -1.52
N GLY A 1 9.64 20.98 -5.12
CA GLY A 1 8.50 20.69 -4.29
C GLY A 1 7.56 19.69 -4.92
N GLY A 2 6.65 19.15 -4.11
CA GLY A 2 5.71 18.17 -4.62
C GLY A 2 4.82 17.60 -3.52
N GLU A 3 3.63 18.19 -3.36
CA GLU A 3 2.69 17.74 -2.34
C GLU A 3 1.92 16.52 -2.82
N ALA A 4 2.39 15.34 -2.41
CA ALA A 4 1.75 14.08 -2.78
C ALA A 4 0.72 13.66 -1.74
N LYS A 5 -0.55 13.68 -2.13
CA LYS A 5 -1.64 13.30 -1.24
C LYS A 5 -1.52 11.83 -0.84
N ALA A 6 -1.30 10.97 -1.83
CA ALA A 6 -1.17 9.54 -1.59
C ALA A 6 0.12 9.24 -0.83
N ARG A 7 -0.01 8.80 0.42
CA ARG A 7 1.13 8.46 1.24
C ARG A 7 1.79 7.17 0.77
N LEU A 8 3.03 6.94 1.21
CA LEU A 8 3.77 5.75 0.83
C LEU A 8 3.00 4.48 1.22
N CYS A 9 3.25 3.40 0.50
CA CYS A 9 2.58 2.14 0.78
C CYS A 9 2.87 1.76 2.23
N LYS A 10 1.83 1.26 2.89
CA LYS A 10 1.95 0.85 4.29
C LYS A 10 2.43 -0.60 4.40
N LEU A 11 2.41 -1.30 3.26
CA LEU A 11 2.85 -2.69 3.23
C LEU A 11 4.19 -2.83 2.50
N CYS A 12 4.45 -1.90 1.59
CA CYS A 12 5.69 -1.91 0.83
C CYS A 12 6.63 -0.86 1.42
N GLY A 13 6.03 0.21 1.93
CA GLY A 13 6.79 1.29 2.52
C GLY A 13 7.57 2.08 1.49
N GLN A 14 7.03 2.15 0.27
CA GLN A 14 7.68 2.88 -0.81
C GLN A 14 6.82 4.06 -1.25
N LYS A 15 7.42 4.95 -2.05
CA LYS A 15 6.71 6.11 -2.55
C LYS A 15 6.22 5.89 -3.98
N GLY A 16 4.93 6.13 -4.20
CA GLY A 16 4.35 5.95 -5.52
C GLY A 16 2.97 5.34 -5.48
N HIS A 17 2.79 4.35 -4.61
CA HIS A 17 1.50 3.68 -4.46
C HIS A 17 1.06 3.65 -3.00
N ASP A 18 -0.01 2.92 -2.73
CA ASP A 18 -0.55 2.81 -1.38
C ASP A 18 -0.97 1.38 -1.07
N GLU A 19 -1.23 1.11 0.20
CA GLU A 19 -1.65 -0.22 0.62
C GLU A 19 -3.02 -0.57 0.05
N ARG A 20 -3.89 0.42 -0.03
CA ARG A 20 -5.24 0.22 -0.55
C ARG A 20 -5.19 -0.40 -1.95
N SER A 21 -4.18 -0.01 -2.73
CA SER A 21 -4.02 -0.53 -4.08
C SER A 21 -3.06 -1.72 -4.11
N CYS A 22 -2.28 -1.86 -3.05
CA CYS A 22 -1.32 -2.95 -2.96
C CYS A 22 -2.09 -4.23 -2.62
N LYS A 23 -1.60 -5.34 -3.17
CA LYS A 23 -2.22 -6.64 -2.95
C LYS A 23 -2.01 -7.10 -1.51
N GLY A 24 -2.99 -6.82 -0.66
CA GLY A 24 -2.91 -7.22 0.74
C GLY A 24 -3.73 -8.45 1.05
N GLU A 25 -3.69 -9.45 0.16
CA GLU A 25 -4.44 -10.67 0.36
C GLU A 25 -3.52 -11.83 0.72
N ALA A 26 -2.74 -11.65 1.78
CA ALA A 26 -1.81 -12.67 2.23
C ALA A 26 -2.44 -13.53 3.33
N LYS A 27 -1.71 -14.58 3.74
CA LYS A 27 -2.20 -15.47 4.79
C LYS A 27 -1.05 -15.93 5.67
N GLN A 28 -1.39 -16.65 6.75
CA GLN A 28 -0.39 -17.15 7.67
C GLN A 28 0.54 -18.15 6.99
N LYS A 29 -0.03 -18.95 6.08
CA LYS A 29 0.74 -19.96 5.35
C LYS A 29 1.51 -19.31 4.20
N GLN A 30 2.45 -18.43 4.54
CA GLN A 30 3.26 -17.76 3.53
C GLN A 30 3.94 -18.76 2.61
N GLY A 31 4.85 -19.56 3.18
CA GLY A 31 5.55 -20.54 2.39
C GLY A 31 6.84 -21.00 3.07
ZN ZN B . 2.97 -1.74 -1.54
N GLY A 1 6.62 16.22 7.72
CA GLY A 1 6.03 16.93 6.59
C GLY A 1 4.54 17.10 6.74
N GLY A 2 3.83 17.02 5.62
CA GLY A 2 2.38 17.18 5.64
C GLY A 2 1.87 17.97 4.45
N GLU A 3 0.58 18.29 4.47
CA GLU A 3 -0.04 19.04 3.39
C GLU A 3 0.24 18.38 2.03
N ALA A 4 -0.01 17.08 1.96
CA ALA A 4 0.21 16.33 0.74
C ALA A 4 -0.86 15.25 0.55
N LYS A 5 -0.80 14.56 -0.58
CA LYS A 5 -1.76 13.51 -0.88
C LYS A 5 -1.05 12.22 -1.29
N ALA A 6 -1.74 11.09 -1.14
CA ALA A 6 -1.17 9.79 -1.50
C ALA A 6 0.11 9.51 -0.72
N ARG A 7 -0.02 8.78 0.38
CA ARG A 7 1.12 8.45 1.22
C ARG A 7 1.78 7.15 0.75
N LEU A 8 3.01 6.93 1.20
CA LEU A 8 3.75 5.74 0.82
C LEU A 8 2.99 4.47 1.21
N CYS A 9 3.24 3.39 0.50
CA CYS A 9 2.58 2.13 0.78
C CYS A 9 2.87 1.74 2.23
N LYS A 10 1.83 1.25 2.89
CA LYS A 10 1.94 0.84 4.28
C LYS A 10 2.42 -0.61 4.38
N LEU A 11 2.41 -1.31 3.26
CA LEU A 11 2.85 -2.70 3.22
C LEU A 11 4.19 -2.83 2.50
N CYS A 12 4.45 -1.90 1.59
CA CYS A 12 5.69 -1.92 0.83
C CYS A 12 6.63 -0.86 1.42
N GLY A 13 6.02 0.20 1.94
CA GLY A 13 6.80 1.28 2.52
C GLY A 13 7.57 2.08 1.49
N GLN A 14 7.03 2.13 0.27
CA GLN A 14 7.68 2.87 -0.81
C GLN A 14 6.83 4.05 -1.26
N LYS A 15 7.41 4.93 -2.06
CA LYS A 15 6.70 6.10 -2.56
C LYS A 15 6.21 5.87 -3.99
N GLY A 16 4.92 6.11 -4.21
CA GLY A 16 4.36 5.92 -5.54
C GLY A 16 2.97 5.31 -5.49
N HIS A 17 2.79 4.33 -4.61
CA HIS A 17 1.50 3.66 -4.48
C HIS A 17 1.05 3.64 -3.02
N ASP A 18 -0.02 2.90 -2.74
CA ASP A 18 -0.55 2.80 -1.39
C ASP A 18 -0.97 1.36 -1.08
N GLU A 19 -1.24 1.09 0.19
CA GLU A 19 -1.66 -0.24 0.61
C GLU A 19 -3.03 -0.59 0.04
N ARG A 20 -3.90 0.41 -0.05
CA ARG A 20 -5.24 0.21 -0.58
C ARG A 20 -5.19 -0.42 -1.98
N SER A 21 -4.18 -0.04 -2.75
CA SER A 21 -4.01 -0.55 -4.10
C SER A 21 -3.06 -1.74 -4.12
N CYS A 22 -2.28 -1.87 -3.06
CA CYS A 22 -1.32 -2.97 -2.97
C CYS A 22 -2.09 -4.25 -2.62
N LYS A 23 -1.56 -5.37 -3.11
CA LYS A 23 -2.18 -6.67 -2.88
C LYS A 23 -1.99 -7.10 -1.43
N GLY A 24 -2.98 -6.82 -0.60
CA GLY A 24 -2.90 -7.19 0.81
C GLY A 24 -2.79 -8.69 1.01
N GLU A 25 -3.90 -9.33 1.36
CA GLU A 25 -3.91 -10.77 1.59
C GLU A 25 -4.72 -11.47 0.50
N ALA A 26 -4.09 -11.70 -0.65
CA ALA A 26 -4.75 -12.36 -1.77
C ALA A 26 -3.81 -13.36 -2.44
N LYS A 27 -4.31 -14.56 -2.71
CA LYS A 27 -3.52 -15.60 -3.35
C LYS A 27 -4.02 -15.87 -4.76
N GLN A 28 -3.28 -16.67 -5.51
CA GLN A 28 -3.64 -17.01 -6.88
C GLN A 28 -3.91 -18.50 -7.02
N LYS A 29 -4.45 -18.89 -8.17
CA LYS A 29 -4.76 -20.30 -8.43
C LYS A 29 -3.54 -21.03 -8.98
N GLN A 30 -2.75 -21.60 -8.08
CA GLN A 30 -1.55 -22.34 -8.47
C GLN A 30 -1.91 -23.65 -9.16
N GLY A 31 -2.98 -24.28 -8.67
CA GLY A 31 -3.41 -25.54 -9.26
C GLY A 31 -2.47 -26.68 -8.94
ZN ZN B . 2.96 -1.75 -1.55
N GLY A 1 3.06 12.75 -5.97
CA GLY A 1 2.34 11.63 -6.55
C GLY A 1 0.86 11.68 -6.26
N GLY A 2 0.30 12.88 -6.22
CA GLY A 2 -1.12 13.03 -5.94
C GLY A 2 -1.42 14.25 -5.09
N GLU A 3 -0.79 15.37 -5.43
CA GLU A 3 -0.98 16.62 -4.70
C GLU A 3 -0.66 16.43 -3.21
N ALA A 4 0.41 15.70 -2.95
CA ALA A 4 0.84 15.44 -1.57
C ALA A 4 -0.30 14.85 -0.75
N LYS A 5 -1.00 13.87 -1.32
CA LYS A 5 -2.11 13.22 -0.64
C LYS A 5 -1.85 11.73 -0.48
N ALA A 6 -1.48 11.06 -1.57
CA ALA A 6 -1.19 9.64 -1.54
C ALA A 6 0.10 9.35 -0.78
N ARG A 7 -0.03 8.77 0.40
CA ARG A 7 1.13 8.45 1.23
C ARG A 7 1.79 7.16 0.76
N LEU A 8 3.02 6.94 1.20
CA LEU A 8 3.76 5.74 0.83
C LEU A 8 2.99 4.48 1.21
N CYS A 9 3.25 3.39 0.50
CA CYS A 9 2.58 2.13 0.78
C CYS A 9 2.86 1.75 2.23
N LYS A 10 1.83 1.26 2.90
CA LYS A 10 1.95 0.84 4.29
C LYS A 10 2.43 -0.61 4.39
N LEU A 11 2.41 -1.30 3.26
CA LEU A 11 2.85 -2.69 3.23
C LEU A 11 4.19 -2.83 2.50
N CYS A 12 4.45 -1.90 1.59
CA CYS A 12 5.69 -1.92 0.83
C CYS A 12 6.63 -0.86 1.42
N GLY A 13 6.03 0.20 1.93
CA GLY A 13 6.80 1.28 2.52
C GLY A 13 7.57 2.07 1.49
N GLN A 14 7.04 2.14 0.27
CA GLN A 14 7.68 2.87 -0.81
C GLN A 14 6.83 4.05 -1.26
N LYS A 15 7.42 4.93 -2.05
CA LYS A 15 6.71 6.11 -2.56
C LYS A 15 6.22 5.88 -3.98
N GLY A 16 4.92 6.12 -4.20
CA GLY A 16 4.36 5.94 -5.53
C GLY A 16 2.97 5.33 -5.47
N HIS A 17 2.79 4.34 -4.61
CA HIS A 17 1.51 3.66 -4.47
C HIS A 17 1.06 3.63 -3.01
N ASP A 18 -0.02 2.92 -2.74
CA ASP A 18 -0.54 2.81 -1.38
C ASP A 18 -0.97 1.38 -1.08
N GLU A 19 -1.24 1.09 0.20
CA GLU A 19 -1.66 -0.23 0.62
C GLU A 19 -3.02 -0.58 0.04
N ARG A 20 -3.90 0.41 -0.04
CA ARG A 20 -5.24 0.21 -0.57
C ARG A 20 -5.19 -0.40 -1.96
N SER A 21 -4.18 -0.01 -2.74
CA SER A 21 -4.01 -0.52 -4.09
C SER A 21 -3.05 -1.71 -4.12
N CYS A 22 -2.27 -1.85 -3.06
CA CYS A 22 -1.33 -2.95 -2.97
C CYS A 22 -2.10 -4.23 -2.64
N LYS A 23 -1.58 -5.35 -3.13
CA LYS A 23 -2.19 -6.65 -2.89
C LYS A 23 -2.00 -7.09 -1.45
N GLY A 24 -2.99 -6.81 -0.60
CA GLY A 24 -2.89 -7.19 0.79
C GLY A 24 -2.77 -8.69 0.98
N GLU A 25 -3.43 -9.45 0.10
CA GLU A 25 -3.38 -10.90 0.18
C GLU A 25 -2.19 -11.46 -0.58
N ALA A 26 -0.99 -11.08 -0.14
CA ALA A 26 0.24 -11.54 -0.78
C ALA A 26 1.26 -12.01 0.25
N LYS A 27 1.72 -13.24 0.11
CA LYS A 27 2.70 -13.80 1.04
C LYS A 27 4.12 -13.45 0.60
N GLN A 28 4.40 -12.16 0.49
CA GLN A 28 5.72 -11.69 0.09
C GLN A 28 6.58 -11.36 1.30
N LYS A 29 7.26 -12.37 1.83
CA LYS A 29 8.13 -12.18 2.98
C LYS A 29 9.50 -12.83 2.76
N GLN A 30 10.55 -12.08 3.03
CA GLN A 30 11.91 -12.58 2.86
C GLN A 30 12.42 -13.24 4.14
N GLY A 31 12.11 -12.62 5.28
CA GLY A 31 12.54 -13.16 6.55
C GLY A 31 11.74 -14.37 6.98
ZN ZN B . 2.97 -1.75 -1.54
N GLY A 1 1.62 22.71 -6.23
CA GLY A 1 1.37 22.20 -7.56
C GLY A 1 1.41 20.69 -7.61
N GLY A 2 0.64 20.04 -6.72
CA GLY A 2 0.59 18.60 -6.69
C GLY A 2 -0.71 18.05 -7.22
N GLU A 3 -0.93 16.75 -7.01
CA GLU A 3 -2.14 16.09 -7.47
C GLU A 3 -3.02 15.68 -6.29
N ALA A 4 -2.59 14.63 -5.58
CA ALA A 4 -3.33 14.13 -4.43
C ALA A 4 -2.40 13.90 -3.25
N LYS A 5 -2.98 13.45 -2.13
CA LYS A 5 -2.20 13.18 -0.92
C LYS A 5 -2.04 11.68 -0.71
N ALA A 6 -1.39 11.02 -1.67
CA ALA A 6 -1.16 9.58 -1.57
C ALA A 6 0.12 9.27 -0.82
N ARG A 7 -0.02 8.78 0.41
CA ARG A 7 1.13 8.46 1.24
C ARG A 7 1.79 7.17 0.77
N LEU A 8 3.03 6.94 1.21
CA LEU A 8 3.76 5.73 0.84
C LEU A 8 3.00 4.48 1.22
N CYS A 9 3.25 3.39 0.50
CA CYS A 9 2.58 2.14 0.78
C CYS A 9 2.86 1.75 2.23
N LYS A 10 1.83 1.25 2.91
CA LYS A 10 1.95 0.84 4.29
C LYS A 10 2.43 -0.61 4.39
N LEU A 11 2.41 -1.30 3.26
CA LEU A 11 2.86 -2.69 3.22
C LEU A 11 4.20 -2.82 2.50
N CYS A 12 4.45 -1.90 1.59
CA CYS A 12 5.69 -1.92 0.83
C CYS A 12 6.63 -0.86 1.42
N GLY A 13 6.03 0.21 1.93
CA GLY A 13 6.79 1.29 2.52
C GLY A 13 7.57 2.08 1.49
N GLN A 14 7.03 2.15 0.27
CA GLN A 14 7.68 2.88 -0.81
C GLN A 14 6.82 4.06 -1.25
N LYS A 15 7.41 4.94 -2.06
CA LYS A 15 6.70 6.11 -2.55
C LYS A 15 6.21 5.89 -3.98
N GLY A 16 4.92 6.13 -4.20
CA GLY A 16 4.35 5.94 -5.53
C GLY A 16 2.96 5.33 -5.48
N HIS A 17 2.78 4.34 -4.61
CA HIS A 17 1.50 3.67 -4.46
C HIS A 17 1.06 3.65 -3.00
N ASP A 18 -0.02 2.91 -2.73
CA ASP A 18 -0.56 2.81 -1.37
C ASP A 18 -0.97 1.37 -1.07
N GLU A 19 -1.24 1.10 0.21
CA GLU A 19 -1.66 -0.23 0.62
C GLU A 19 -3.02 -0.58 0.05
N ARG A 20 -3.90 0.41 -0.04
CA ARG A 20 -5.24 0.21 -0.57
C ARG A 20 -5.18 -0.39 -1.97
N SER A 21 -4.17 0.00 -2.74
CA SER A 21 -4.01 -0.51 -4.10
C SER A 21 -3.05 -1.71 -4.12
N CYS A 22 -2.27 -1.85 -3.06
CA CYS A 22 -1.33 -2.95 -2.97
C CYS A 22 -2.10 -4.23 -2.64
N LYS A 23 -1.59 -5.35 -3.14
CA LYS A 23 -2.21 -6.64 -2.91
C LYS A 23 -1.99 -7.10 -1.47
N GLY A 24 -2.96 -6.83 -0.61
CA GLY A 24 -2.85 -7.22 0.79
C GLY A 24 -4.19 -7.15 1.51
N GLU A 25 -5.19 -7.81 0.96
CA GLU A 25 -6.53 -7.81 1.56
C GLU A 25 -6.94 -9.23 1.95
N ALA A 26 -5.96 -10.02 2.41
CA ALA A 26 -6.23 -11.39 2.82
C ALA A 26 -6.20 -11.53 4.34
N LYS A 27 -7.31 -11.98 4.91
CA LYS A 27 -7.41 -12.16 6.35
C LYS A 27 -7.64 -13.62 6.71
N GLN A 28 -6.56 -14.41 6.68
CA GLN A 28 -6.65 -15.83 7.00
C GLN A 28 -5.87 -16.15 8.27
N LYS A 29 -6.40 -17.07 9.08
CA LYS A 29 -5.75 -17.47 10.31
C LYS A 29 -5.69 -18.99 10.43
N GLN A 30 -4.50 -19.50 10.73
CA GLN A 30 -4.30 -20.94 10.87
C GLN A 30 -3.66 -21.28 12.21
N GLY A 31 -2.42 -20.85 12.40
CA GLY A 31 -1.73 -21.11 13.64
C GLY A 31 -0.57 -20.16 13.87
ZN ZN B . 2.96 -1.74 -1.54
N GLY A 1 -11.19 17.74 -4.72
CA GLY A 1 -10.38 16.55 -4.78
C GLY A 1 -10.43 15.76 -3.48
N GLY A 2 -10.72 14.46 -3.60
CA GLY A 2 -10.80 13.61 -2.42
C GLY A 2 -9.44 13.38 -1.79
N GLU A 3 -8.69 12.44 -2.34
CA GLU A 3 -7.36 12.11 -1.83
C GLU A 3 -6.29 12.32 -2.89
N ALA A 4 -5.99 13.58 -3.19
CA ALA A 4 -4.99 13.91 -4.20
C ALA A 4 -3.60 13.42 -3.77
N LYS A 5 -3.23 13.72 -2.53
CA LYS A 5 -1.93 13.31 -2.00
C LYS A 5 -2.00 11.89 -1.44
N ALA A 6 -1.20 11.00 -2.01
CA ALA A 6 -1.16 9.62 -1.57
C ALA A 6 0.12 9.31 -0.81
N ARG A 7 -0.02 8.79 0.40
CA ARG A 7 1.13 8.46 1.24
C ARG A 7 1.79 7.16 0.77
N LEU A 8 3.02 6.94 1.20
CA LEU A 8 3.77 5.74 0.83
C LEU A 8 3.00 4.48 1.22
N CYS A 9 3.25 3.40 0.50
CA CYS A 9 2.58 2.14 0.78
C CYS A 9 2.87 1.76 2.23
N LYS A 10 1.84 1.26 2.90
CA LYS A 10 1.95 0.85 4.29
C LYS A 10 2.43 -0.60 4.40
N LEU A 11 2.42 -1.30 3.27
CA LEU A 11 2.86 -2.69 3.23
C LEU A 11 4.19 -2.82 2.50
N CYS A 12 4.45 -1.90 1.59
CA CYS A 12 5.69 -1.92 0.84
C CYS A 12 6.63 -0.86 1.43
N GLY A 13 6.03 0.21 1.93
CA GLY A 13 6.80 1.29 2.53
C GLY A 13 7.57 2.08 1.49
N GLN A 14 7.04 2.15 0.28
CA GLN A 14 7.68 2.88 -0.80
C GLN A 14 6.82 4.06 -1.25
N LYS A 15 7.41 4.93 -2.06
CA LYS A 15 6.70 6.11 -2.55
C LYS A 15 6.21 5.88 -3.99
N GLY A 16 4.92 6.12 -4.20
CA GLY A 16 4.36 5.94 -5.53
C GLY A 16 2.97 5.33 -5.49
N HIS A 17 2.78 4.34 -4.61
CA HIS A 17 1.51 3.67 -4.46
C HIS A 17 1.05 3.65 -3.01
N ASP A 18 -0.02 2.91 -2.73
CA ASP A 18 -0.54 2.81 -1.38
C ASP A 18 -0.96 1.37 -1.07
N GLU A 19 -1.23 1.10 0.20
CA GLU A 19 -1.64 -0.23 0.63
C GLU A 19 -3.02 -0.59 0.06
N ARG A 20 -3.89 0.41 -0.03
CA ARG A 20 -5.23 0.21 -0.56
C ARG A 20 -5.19 -0.41 -1.95
N SER A 21 -4.17 -0.03 -2.73
CA SER A 21 -4.02 -0.54 -4.08
C SER A 21 -3.06 -1.73 -4.10
N CYS A 22 -2.27 -1.86 -3.05
CA CYS A 22 -1.32 -2.96 -2.96
C CYS A 22 -2.09 -4.24 -2.61
N LYS A 23 -1.62 -5.34 -3.18
CA LYS A 23 -2.23 -6.64 -2.95
C LYS A 23 -2.02 -7.10 -1.51
N GLY A 24 -2.99 -6.82 -0.66
CA GLY A 24 -2.90 -7.22 0.73
C GLY A 24 -3.59 -8.54 1.02
N GLU A 25 -3.52 -9.46 0.05
CA GLU A 25 -4.13 -10.77 0.20
C GLU A 25 -3.12 -11.89 -0.03
N ALA A 26 -1.89 -11.66 0.44
CA ALA A 26 -0.82 -12.65 0.30
C ALA A 26 -0.26 -13.05 1.65
N LYS A 27 0.67 -13.99 1.65
CA LYS A 27 1.31 -14.46 2.87
C LYS A 27 2.34 -13.47 3.39
N GLN A 28 2.00 -12.78 4.47
CA GLN A 28 2.90 -11.79 5.06
C GLN A 28 4.12 -12.47 5.68
N LYS A 29 3.90 -13.64 6.26
CA LYS A 29 4.98 -14.40 6.89
C LYS A 29 5.30 -15.65 6.10
N GLN A 30 6.35 -15.58 5.27
CA GLN A 30 6.76 -16.72 4.46
C GLN A 30 8.22 -17.04 4.68
N GLY A 31 9.05 -16.00 4.79
CA GLY A 31 10.47 -16.19 5.00
C GLY A 31 10.79 -16.71 6.39
ZN ZN B . 2.97 -1.74 -1.54
N GLY A 1 7.04 15.17 -2.98
CA GLY A 1 6.39 15.67 -4.18
C GLY A 1 5.13 16.45 -3.87
N GLY A 2 4.98 17.61 -4.50
CA GLY A 2 3.81 18.43 -4.27
C GLY A 2 2.82 18.37 -5.41
N GLU A 3 2.29 17.18 -5.66
CA GLU A 3 1.33 16.99 -6.74
C GLU A 3 0.12 16.18 -6.25
N ALA A 4 0.35 14.92 -5.92
CA ALA A 4 -0.72 14.05 -5.43
C ALA A 4 -0.80 14.08 -3.92
N LYS A 5 -1.82 13.42 -3.37
CA LYS A 5 -2.01 13.37 -1.92
C LYS A 5 -2.07 11.93 -1.43
N ALA A 6 -1.18 11.09 -1.96
CA ALA A 6 -1.13 9.69 -1.57
C ALA A 6 0.15 9.38 -0.78
N ARG A 7 -0.02 8.79 0.40
CA ARG A 7 1.12 8.45 1.25
C ARG A 7 1.78 7.16 0.77
N LEU A 8 3.01 6.93 1.21
CA LEU A 8 3.75 5.73 0.83
C LEU A 8 2.99 4.47 1.22
N CYS A 9 3.24 3.39 0.50
CA CYS A 9 2.58 2.13 0.78
C CYS A 9 2.87 1.74 2.23
N LYS A 10 1.83 1.25 2.89
CA LYS A 10 1.94 0.83 4.29
C LYS A 10 2.42 -0.61 4.38
N LEU A 11 2.41 -1.31 3.26
CA LEU A 11 2.86 -2.70 3.22
C LEU A 11 4.19 -2.83 2.49
N CYS A 12 4.45 -1.90 1.58
CA CYS A 12 5.69 -1.92 0.82
C CYS A 12 6.63 -0.86 1.42
N GLY A 13 6.03 0.20 1.92
CA GLY A 13 6.80 1.28 2.52
C GLY A 13 7.57 2.08 1.49
N GLN A 14 7.03 2.15 0.27
CA GLN A 14 7.68 2.88 -0.81
C GLN A 14 6.82 4.06 -1.25
N LYS A 15 7.41 4.94 -2.06
CA LYS A 15 6.70 6.12 -2.55
C LYS A 15 6.21 5.89 -3.98
N GLY A 16 4.92 6.13 -4.20
CA GLY A 16 4.36 5.94 -5.53
C GLY A 16 2.97 5.33 -5.49
N HIS A 17 2.78 4.35 -4.60
CA HIS A 17 1.50 3.68 -4.47
C HIS A 17 1.05 3.65 -3.01
N ASP A 18 -0.02 2.92 -2.74
CA ASP A 18 -0.55 2.80 -1.38
C ASP A 18 -0.98 1.37 -1.09
N GLU A 19 -1.24 1.09 0.20
CA GLU A 19 -1.66 -0.24 0.61
C GLU A 19 -3.03 -0.59 0.05
N ARG A 20 -3.89 0.42 -0.04
CA ARG A 20 -5.23 0.23 -0.57
C ARG A 20 -5.19 -0.40 -1.96
N SER A 21 -4.18 -0.03 -2.74
CA SER A 21 -4.03 -0.55 -4.10
C SER A 21 -3.07 -1.74 -4.12
N CYS A 22 -2.28 -1.86 -3.06
CA CYS A 22 -1.32 -2.96 -2.97
C CYS A 22 -2.10 -4.24 -2.63
N LYS A 23 -1.56 -5.36 -3.11
CA LYS A 23 -2.17 -6.66 -2.88
C LYS A 23 -1.98 -7.10 -1.43
N GLY A 24 -2.97 -6.83 -0.60
CA GLY A 24 -2.90 -7.19 0.80
C GLY A 24 -3.67 -8.46 1.11
N GLU A 25 -3.42 -9.51 0.34
CA GLU A 25 -4.11 -10.78 0.53
C GLU A 25 -3.63 -11.47 1.81
N ALA A 26 -4.57 -11.73 2.71
CA ALA A 26 -4.24 -12.39 3.98
C ALA A 26 -5.18 -13.57 4.24
N LYS A 27 -4.60 -14.67 4.69
CA LYS A 27 -5.39 -15.88 4.98
C LYS A 27 -6.23 -15.68 6.23
N GLN A 28 -7.54 -15.50 6.04
CA GLN A 28 -8.46 -15.30 7.15
C GLN A 28 -9.48 -16.43 7.21
N LYS A 29 -9.35 -17.29 8.22
CA LYS A 29 -10.26 -18.41 8.39
C LYS A 29 -11.65 -17.92 8.78
N GLN A 30 -12.67 -18.51 8.18
CA GLN A 30 -14.06 -18.14 8.46
C GLN A 30 -15.00 -19.32 8.23
N GLY A 31 -16.26 -19.14 8.63
CA GLY A 31 -17.24 -20.20 8.46
C GLY A 31 -18.65 -19.73 8.74
ZN ZN B . 2.96 -1.75 -1.55
N GLY A 1 5.32 15.01 4.42
CA GLY A 1 5.68 16.19 3.65
C GLY A 1 6.29 15.84 2.30
N GLY A 2 5.55 15.09 1.50
CA GLY A 2 6.04 14.69 0.19
C GLY A 2 5.58 15.64 -0.90
N GLU A 3 5.57 15.15 -2.14
CA GLU A 3 5.15 15.95 -3.27
C GLU A 3 3.66 15.74 -3.58
N ALA A 4 3.26 14.48 -3.68
CA ALA A 4 1.87 14.14 -3.97
C ALA A 4 1.06 14.04 -2.68
N LYS A 5 -0.24 13.84 -2.83
CA LYS A 5 -1.14 13.73 -1.69
C LYS A 5 -1.07 12.33 -1.07
N ALA A 6 -1.22 11.31 -1.91
CA ALA A 6 -1.17 9.94 -1.45
C ALA A 6 0.09 9.67 -0.64
N ARG A 7 -0.02 8.79 0.35
CA ARG A 7 1.12 8.44 1.20
C ARG A 7 1.78 7.15 0.74
N LEU A 8 3.01 6.93 1.17
CA LEU A 8 3.76 5.73 0.80
C LEU A 8 2.99 4.48 1.20
N CYS A 9 3.25 3.39 0.49
CA CYS A 9 2.58 2.13 0.78
C CYS A 9 2.87 1.76 2.24
N LYS A 10 1.84 1.27 2.90
CA LYS A 10 1.95 0.86 4.31
C LYS A 10 2.44 -0.58 4.42
N LEU A 11 2.42 -1.29 3.30
CA LEU A 11 2.87 -2.68 3.27
C LEU A 11 4.20 -2.81 2.54
N CYS A 12 4.46 -1.89 1.62
CA CYS A 12 5.71 -1.91 0.87
C CYS A 12 6.64 -0.85 1.45
N GLY A 13 6.03 0.22 1.95
CA GLY A 13 6.80 1.31 2.53
C GLY A 13 7.57 2.09 1.49
N GLN A 14 7.03 2.15 0.27
CA GLN A 14 7.68 2.87 -0.81
C GLN A 14 6.82 4.04 -1.28
N LYS A 15 7.40 4.93 -2.08
CA LYS A 15 6.69 6.09 -2.59
C LYS A 15 6.21 5.84 -4.01
N GLY A 16 4.91 6.08 -4.24
CA GLY A 16 4.34 5.89 -5.56
C GLY A 16 2.96 5.27 -5.50
N HIS A 17 2.78 4.28 -4.62
CA HIS A 17 1.50 3.60 -4.48
C HIS A 17 1.05 3.60 -3.02
N ASP A 18 -0.02 2.87 -2.73
CA ASP A 18 -0.55 2.78 -1.38
C ASP A 18 -0.97 1.34 -1.06
N GLU A 19 -1.24 1.09 0.21
CA GLU A 19 -1.65 -0.24 0.65
C GLU A 19 -3.01 -0.62 0.05
N ARG A 20 -3.89 0.37 -0.03
CA ARG A 20 -5.23 0.14 -0.58
C ARG A 20 -5.15 -0.47 -1.98
N SER A 21 -4.14 -0.06 -2.74
CA SER A 21 -3.95 -0.56 -4.09
C SER A 21 -3.00 -1.75 -4.11
N CYS A 22 -2.23 -1.90 -3.03
CA CYS A 22 -1.29 -3.00 -2.93
C CYS A 22 -2.08 -4.28 -2.61
N LYS A 23 -1.64 -5.38 -3.24
CA LYS A 23 -2.29 -6.67 -3.04
C LYS A 23 -2.02 -7.19 -1.64
N GLY A 24 -2.96 -6.93 -0.73
CA GLY A 24 -2.81 -7.39 0.65
C GLY A 24 -4.07 -8.04 1.18
N GLU A 25 -4.24 -9.33 0.90
CA GLU A 25 -5.40 -10.07 1.35
C GLU A 25 -4.99 -11.30 2.15
N ALA A 26 -3.94 -11.15 2.96
CA ALA A 26 -3.45 -12.26 3.77
C ALA A 26 -3.93 -12.12 5.22
N LYS A 27 -3.82 -13.20 5.97
CA LYS A 27 -4.24 -13.20 7.37
C LYS A 27 -3.07 -12.88 8.29
N GLN A 28 -3.36 -12.72 9.58
CA GLN A 28 -2.33 -12.41 10.57
C GLN A 28 -1.33 -13.54 10.67
N LYS A 29 -0.09 -13.20 11.06
CA LYS A 29 0.97 -14.20 11.21
C LYS A 29 1.54 -14.17 12.63
N GLN A 30 1.63 -12.99 13.20
CA GLN A 30 2.16 -12.83 14.55
C GLN A 30 1.65 -11.54 15.19
N GLY A 31 1.85 -11.42 16.50
CA GLY A 31 1.40 -10.24 17.21
C GLY A 31 1.65 -10.33 18.71
ZN ZN B . 2.99 -1.77 -1.50
N GLY A 1 1.44 20.85 -1.27
CA GLY A 1 2.12 19.67 -0.78
C GLY A 1 2.34 18.63 -1.87
N GLY A 2 3.55 18.10 -1.97
CA GLY A 2 3.85 17.10 -2.97
C GLY A 2 3.25 15.75 -2.65
N GLU A 3 3.78 15.09 -1.62
CA GLU A 3 3.28 13.78 -1.22
C GLU A 3 2.18 13.92 -0.18
N ALA A 4 1.14 14.67 -0.51
CA ALA A 4 0.01 14.88 0.39
C ALA A 4 -1.22 14.12 -0.10
N LYS A 5 -1.41 14.09 -1.41
CA LYS A 5 -2.55 13.40 -1.99
C LYS A 5 -2.53 11.91 -1.63
N ALA A 6 -1.36 11.30 -1.74
CA ALA A 6 -1.21 9.88 -1.42
C ALA A 6 0.08 9.63 -0.64
N ARG A 7 -0.02 8.78 0.38
CA ARG A 7 1.13 8.46 1.21
C ARG A 7 1.79 7.16 0.74
N LEU A 8 3.02 6.94 1.18
CA LEU A 8 3.77 5.74 0.81
C LEU A 8 3.00 4.48 1.20
N CYS A 9 3.25 3.39 0.49
CA CYS A 9 2.58 2.14 0.77
C CYS A 9 2.87 1.76 2.22
N LYS A 10 1.82 1.27 2.89
CA LYS A 10 1.93 0.85 4.29
C LYS A 10 2.41 -0.58 4.39
N LEU A 11 2.41 -1.29 3.27
CA LEU A 11 2.85 -2.69 3.24
C LEU A 11 4.18 -2.81 2.52
N CYS A 12 4.45 -1.90 1.60
CA CYS A 12 5.69 -1.92 0.85
C CYS A 12 6.63 -0.86 1.44
N GLY A 13 6.02 0.20 1.94
CA GLY A 13 6.79 1.29 2.53
C GLY A 13 7.57 2.08 1.49
N GLN A 14 7.03 2.13 0.28
CA GLN A 14 7.68 2.87 -0.80
C GLN A 14 6.83 4.04 -1.27
N LYS A 15 7.42 4.92 -2.07
CA LYS A 15 6.71 6.09 -2.57
C LYS A 15 6.22 5.86 -4.00
N GLY A 16 4.94 6.10 -4.23
CA GLY A 16 4.36 5.91 -5.55
C GLY A 16 2.98 5.29 -5.50
N HIS A 17 2.80 4.30 -4.63
CA HIS A 17 1.52 3.63 -4.49
C HIS A 17 1.07 3.61 -3.04
N ASP A 18 -0.01 2.88 -2.76
CA ASP A 18 -0.54 2.78 -1.40
C ASP A 18 -0.96 1.35 -1.09
N GLU A 19 -1.23 1.09 0.18
CA GLU A 19 -1.64 -0.24 0.62
C GLU A 19 -3.02 -0.61 0.05
N ARG A 20 -3.89 0.39 -0.05
CA ARG A 20 -5.24 0.18 -0.58
C ARG A 20 -5.17 -0.45 -1.97
N SER A 21 -4.17 -0.06 -2.74
CA SER A 21 -4.01 -0.59 -4.10
C SER A 21 -3.05 -1.77 -4.11
N CYS A 22 -2.26 -1.89 -3.05
CA CYS A 22 -1.30 -2.99 -2.95
C CYS A 22 -2.07 -4.26 -2.60
N LYS A 23 -1.60 -5.37 -3.17
CA LYS A 23 -2.22 -6.67 -2.94
C LYS A 23 -2.07 -7.08 -1.48
N GLY A 24 -3.11 -6.81 -0.69
CA GLY A 24 -3.08 -7.16 0.72
C GLY A 24 -3.73 -8.50 0.99
N GLU A 25 -4.77 -8.83 0.22
CA GLU A 25 -5.49 -10.09 0.38
C GLU A 25 -5.39 -10.94 -0.88
N ALA A 26 -4.16 -11.24 -1.29
CA ALA A 26 -3.94 -12.05 -2.49
C ALA A 26 -3.34 -13.41 -2.13
N LYS A 27 -3.14 -14.24 -3.13
CA LYS A 27 -2.56 -15.57 -2.93
C LYS A 27 -1.13 -15.63 -3.43
N GLN A 28 -0.18 -15.60 -2.51
CA GLN A 28 1.24 -15.65 -2.86
C GLN A 28 1.98 -16.65 -1.97
N LYS A 29 2.92 -17.37 -2.56
CA LYS A 29 3.71 -18.35 -1.83
C LYS A 29 4.45 -17.70 -0.67
N GLN A 30 4.26 -18.24 0.53
CA GLN A 30 4.91 -17.71 1.72
C GLN A 30 4.63 -16.23 1.88
N GLY A 31 3.35 -15.86 1.80
CA GLY A 31 2.97 -14.47 1.94
C GLY A 31 3.39 -13.87 3.26
ZN ZN B . 2.98 -1.76 -1.52
N GLY A 1 -4.77 21.14 -6.30
CA GLY A 1 -3.44 21.37 -6.82
C GLY A 1 -2.75 20.09 -7.24
N GLY A 2 -1.56 20.22 -7.81
CA GLY A 2 -0.82 19.05 -8.26
C GLY A 2 -0.47 18.11 -7.12
N GLU A 3 -0.17 18.68 -5.96
CA GLU A 3 0.18 17.89 -4.79
C GLU A 3 -1.00 17.02 -4.35
N ALA A 4 -0.91 15.72 -4.62
CA ALA A 4 -1.96 14.78 -4.24
C ALA A 4 -1.83 14.35 -2.79
N LYS A 5 -2.78 13.55 -2.32
CA LYS A 5 -2.77 13.07 -0.94
C LYS A 5 -2.55 11.56 -0.91
N ALA A 6 -1.47 11.10 -1.53
CA ALA A 6 -1.16 9.68 -1.56
C ALA A 6 0.13 9.39 -0.79
N ARG A 7 -0.03 8.79 0.39
CA ARG A 7 1.11 8.46 1.23
C ARG A 7 1.79 7.16 0.76
N LEU A 8 3.02 6.94 1.19
CA LEU A 8 3.76 5.74 0.83
C LEU A 8 3.00 4.48 1.22
N CYS A 9 3.25 3.40 0.50
CA CYS A 9 2.58 2.14 0.79
C CYS A 9 2.88 1.75 2.24
N LYS A 10 1.84 1.27 2.91
CA LYS A 10 1.95 0.85 4.30
C LYS A 10 2.44 -0.59 4.41
N LEU A 11 2.43 -1.29 3.28
CA LEU A 11 2.87 -2.68 3.25
C LEU A 11 4.20 -2.82 2.52
N CYS A 12 4.46 -1.89 1.61
CA CYS A 12 5.70 -1.92 0.85
C CYS A 12 6.64 -0.85 1.44
N GLY A 13 6.03 0.22 1.95
CA GLY A 13 6.80 1.30 2.53
C GLY A 13 7.57 2.09 1.49
N GLN A 14 7.04 2.15 0.28
CA GLN A 14 7.68 2.88 -0.81
C GLN A 14 6.82 4.06 -1.25
N LYS A 15 7.41 4.93 -2.06
CA LYS A 15 6.70 6.11 -2.56
C LYS A 15 6.20 5.88 -3.98
N GLY A 16 4.92 6.12 -4.21
CA GLY A 16 4.35 5.93 -5.53
C GLY A 16 2.96 5.31 -5.48
N HIS A 17 2.79 4.32 -4.61
CA HIS A 17 1.50 3.65 -4.47
C HIS A 17 1.06 3.63 -3.00
N ASP A 18 -0.02 2.90 -2.73
CA ASP A 18 -0.54 2.79 -1.37
C ASP A 18 -0.97 1.36 -1.06
N GLU A 19 -1.23 1.09 0.21
CA GLU A 19 -1.65 -0.24 0.64
C GLU A 19 -3.02 -0.60 0.06
N ARG A 20 -3.89 0.39 -0.03
CA ARG A 20 -5.23 0.19 -0.56
C ARG A 20 -5.17 -0.43 -1.95
N SER A 21 -4.17 -0.03 -2.73
CA SER A 21 -4.00 -0.55 -4.08
C SER A 21 -3.04 -1.74 -4.11
N CYS A 22 -2.27 -1.87 -3.04
CA CYS A 22 -1.31 -2.97 -2.95
C CYS A 22 -2.09 -4.24 -2.61
N LYS A 23 -1.64 -5.35 -3.22
CA LYS A 23 -2.27 -6.64 -3.00
C LYS A 23 -1.98 -7.16 -1.59
N GLY A 24 -2.90 -6.90 -0.67
CA GLY A 24 -2.72 -7.34 0.69
C GLY A 24 -4.05 -7.52 1.42
N GLU A 25 -4.56 -8.74 1.43
CA GLU A 25 -5.82 -9.03 2.09
C GLU A 25 -5.66 -10.16 3.11
N ALA A 26 -4.54 -10.15 3.82
CA ALA A 26 -4.26 -11.17 4.82
C ALA A 26 -3.92 -10.54 6.17
N LYS A 27 -3.78 -11.38 7.18
CA LYS A 27 -3.45 -10.90 8.53
C LYS A 27 -3.22 -12.07 9.48
N GLN A 28 -2.58 -11.79 10.61
CA GLN A 28 -2.30 -12.82 11.61
C GLN A 28 -3.57 -13.23 12.34
N LYS A 29 -4.45 -12.26 12.58
CA LYS A 29 -5.71 -12.52 13.27
C LYS A 29 -6.82 -12.80 12.28
N GLN A 30 -7.10 -14.09 12.06
CA GLN A 30 -8.15 -14.49 11.13
C GLN A 30 -9.49 -14.63 11.85
N GLY A 31 -10.57 -14.59 11.08
CA GLY A 31 -11.90 -14.71 11.67
C GLY A 31 -12.13 -16.08 12.29
ZN ZN B . 2.98 -1.75 -1.52
N GLY A 1 7.69 16.56 -2.82
CA GLY A 1 6.35 15.99 -2.93
C GLY A 1 5.33 17.01 -3.37
N GLY A 2 5.50 18.25 -2.93
CA GLY A 2 4.57 19.30 -3.29
C GLY A 2 3.27 19.21 -2.53
N GLU A 3 2.43 18.24 -2.92
CA GLU A 3 1.14 18.05 -2.28
C GLU A 3 1.04 16.63 -1.70
N ALA A 4 0.29 16.51 -0.60
CA ALA A 4 0.11 15.22 0.05
C ALA A 4 -1.22 14.58 -0.36
N LYS A 5 -1.20 13.89 -1.50
CA LYS A 5 -2.40 13.23 -2.01
C LYS A 5 -2.42 11.76 -1.63
N ALA A 6 -1.30 11.07 -1.87
CA ALA A 6 -1.19 9.66 -1.55
C ALA A 6 0.10 9.37 -0.79
N ARG A 7 -0.03 8.78 0.39
CA ARG A 7 1.12 8.45 1.22
C ARG A 7 1.78 7.16 0.75
N LEU A 8 3.02 6.94 1.19
CA LEU A 8 3.76 5.74 0.81
C LEU A 8 2.99 4.48 1.21
N CYS A 9 3.25 3.39 0.50
CA CYS A 9 2.58 2.14 0.79
C CYS A 9 2.88 1.76 2.25
N LYS A 10 1.84 1.27 2.91
CA LYS A 10 1.96 0.86 4.31
C LYS A 10 2.45 -0.59 4.42
N LEU A 11 2.44 -1.29 3.30
CA LEU A 11 2.87 -2.68 3.26
C LEU A 11 4.20 -2.81 2.53
N CYS A 12 4.46 -1.89 1.62
CA CYS A 12 5.70 -1.92 0.85
C CYS A 12 6.64 -0.85 1.44
N GLY A 13 6.04 0.22 1.94
CA GLY A 13 6.81 1.30 2.52
C GLY A 13 7.58 2.09 1.48
N GLN A 14 7.03 2.15 0.27
CA GLN A 14 7.69 2.87 -0.82
C GLN A 14 6.82 4.05 -1.27
N LYS A 15 7.42 4.93 -2.08
CA LYS A 15 6.70 6.10 -2.58
C LYS A 15 6.20 5.87 -4.00
N GLY A 16 4.91 6.11 -4.21
CA GLY A 16 4.34 5.92 -5.53
C GLY A 16 2.96 5.30 -5.47
N HIS A 17 2.78 4.31 -4.61
CA HIS A 17 1.50 3.63 -4.46
C HIS A 17 1.06 3.62 -3.00
N ASP A 18 -0.02 2.90 -2.72
CA ASP A 18 -0.54 2.80 -1.36
C ASP A 18 -0.97 1.37 -1.04
N GLU A 19 -1.24 1.11 0.23
CA GLU A 19 -1.65 -0.22 0.66
C GLU A 19 -3.02 -0.60 0.06
N ARG A 20 -3.90 0.40 -0.03
CA ARG A 20 -5.23 0.17 -0.58
C ARG A 20 -5.15 -0.43 -1.98
N SER A 21 -4.14 -0.02 -2.73
CA SER A 21 -3.95 -0.51 -4.09
C SER A 21 -3.01 -1.71 -4.11
N CYS A 22 -2.26 -1.86 -3.04
CA CYS A 22 -1.30 -2.97 -2.95
C CYS A 22 -2.10 -4.24 -2.63
N LYS A 23 -1.64 -5.34 -3.22
CA LYS A 23 -2.29 -6.63 -3.03
C LYS A 23 -2.17 -7.09 -1.57
N GLY A 24 -3.21 -6.81 -0.80
CA GLY A 24 -3.20 -7.19 0.60
C GLY A 24 -4.18 -8.32 0.90
N GLU A 25 -3.84 -9.52 0.43
CA GLU A 25 -4.71 -10.68 0.65
C GLU A 25 -4.07 -11.64 1.65
N ALA A 26 -4.78 -11.89 2.75
CA ALA A 26 -4.29 -12.80 3.79
C ALA A 26 -5.25 -13.94 4.01
N LYS A 27 -4.86 -15.14 3.59
CA LYS A 27 -5.69 -16.33 3.75
C LYS A 27 -4.86 -17.53 4.19
N GLN A 28 -5.31 -18.21 5.24
CA GLN A 28 -4.61 -19.37 5.75
C GLN A 28 -5.47 -20.62 5.64
N LYS A 29 -4.82 -21.79 5.72
CA LYS A 29 -5.53 -23.06 5.63
C LYS A 29 -4.59 -24.23 5.94
N GLN A 30 -5.17 -25.40 6.17
CA GLN A 30 -4.39 -26.59 6.46
C GLN A 30 -4.07 -27.37 5.19
N GLY A 31 -3.04 -28.21 5.26
CA GLY A 31 -2.65 -29.00 4.10
C GLY A 31 -1.15 -29.21 4.03
ZN ZN B . 2.98 -1.76 -1.51
N GLY A 1 2.56 23.72 -8.49
CA GLY A 1 2.25 23.23 -7.16
C GLY A 1 2.49 21.74 -7.01
N GLY A 2 3.76 21.34 -7.07
CA GLY A 2 4.10 19.94 -6.93
C GLY A 2 3.99 19.44 -5.51
N GLU A 3 2.76 19.21 -5.07
CA GLU A 3 2.52 18.72 -3.70
C GLU A 3 2.19 17.24 -3.71
N ALA A 4 2.01 16.68 -2.52
CA ALA A 4 1.68 15.25 -2.37
C ALA A 4 0.18 15.06 -2.19
N LYS A 5 -0.32 13.92 -2.67
CA LYS A 5 -1.73 13.60 -2.56
C LYS A 5 -1.94 12.28 -1.82
N ALA A 6 -1.05 11.32 -2.08
CA ALA A 6 -1.12 10.01 -1.45
C ALA A 6 0.12 9.73 -0.60
N ARG A 7 -0.01 8.79 0.33
CA ARG A 7 1.10 8.44 1.21
C ARG A 7 1.77 7.14 0.73
N LEU A 8 2.99 6.93 1.18
CA LEU A 8 3.74 5.72 0.81
C LEU A 8 2.98 4.46 1.20
N CYS A 9 3.24 3.38 0.49
CA CYS A 9 2.57 2.12 0.77
C CYS A 9 2.87 1.74 2.23
N LYS A 10 1.82 1.25 2.90
CA LYS A 10 1.94 0.84 4.30
C LYS A 10 2.43 -0.60 4.40
N LEU A 11 2.42 -1.30 3.27
CA LEU A 11 2.86 -2.70 3.24
C LEU A 11 4.19 -2.83 2.51
N CYS A 12 4.45 -1.90 1.60
CA CYS A 12 5.69 -1.93 0.85
C CYS A 12 6.63 -0.87 1.43
N GLY A 13 6.02 0.20 1.94
CA GLY A 13 6.79 1.29 2.52
C GLY A 13 7.56 2.08 1.48
N GLN A 14 7.03 2.13 0.27
CA GLN A 14 7.67 2.86 -0.82
C GLN A 14 6.81 4.04 -1.27
N LYS A 15 7.40 4.92 -2.07
CA LYS A 15 6.69 6.09 -2.57
C LYS A 15 6.19 5.86 -4.00
N GLY A 16 4.91 6.10 -4.22
CA GLY A 16 4.34 5.91 -5.54
C GLY A 16 2.95 5.28 -5.50
N HIS A 17 2.78 4.30 -4.62
CA HIS A 17 1.50 3.62 -4.48
C HIS A 17 1.06 3.60 -3.02
N ASP A 18 -0.03 2.87 -2.74
CA ASP A 18 -0.56 2.77 -1.39
C ASP A 18 -0.97 1.34 -1.07
N GLU A 19 -1.24 1.07 0.20
CA GLU A 19 -1.66 -0.26 0.62
C GLU A 19 -3.02 -0.62 0.03
N ARG A 20 -3.90 0.37 -0.05
CA ARG A 20 -5.24 0.15 -0.59
C ARG A 20 -5.17 -0.46 -1.99
N SER A 21 -4.16 -0.05 -2.76
CA SER A 21 -3.98 -0.55 -4.11
C SER A 21 -3.02 -1.75 -4.12
N CYS A 22 -2.25 -1.90 -3.06
CA CYS A 22 -1.30 -2.99 -2.96
C CYS A 22 -2.09 -4.27 -2.64
N LYS A 23 -1.56 -5.38 -3.13
CA LYS A 23 -2.18 -6.68 -2.91
C LYS A 23 -2.03 -7.11 -1.45
N GLY A 24 -3.06 -6.84 -0.65
CA GLY A 24 -3.03 -7.20 0.75
C GLY A 24 -4.37 -7.71 1.26
N GLU A 25 -5.45 -7.07 0.80
CA GLU A 25 -6.78 -7.45 1.22
C GLU A 25 -7.49 -8.24 0.11
N ALA A 26 -7.08 -9.50 -0.08
CA ALA A 26 -7.66 -10.35 -1.09
C ALA A 26 -8.32 -11.57 -0.47
N LYS A 27 -9.64 -11.53 -0.34
CA LYS A 27 -10.40 -12.63 0.23
C LYS A 27 -10.80 -13.64 -0.84
N GLN A 28 -10.85 -14.91 -0.46
CA GLN A 28 -11.23 -15.97 -1.39
C GLN A 28 -10.28 -15.99 -2.59
N LYS A 29 -8.99 -15.85 -2.32
CA LYS A 29 -7.99 -15.86 -3.38
C LYS A 29 -7.54 -17.29 -3.70
N GLN A 30 -7.05 -17.99 -2.68
CA GLN A 30 -6.59 -19.36 -2.85
C GLN A 30 -7.75 -20.29 -3.20
N GLY A 31 -8.71 -20.39 -2.27
CA GLY A 31 -9.86 -21.23 -2.49
C GLY A 31 -11.11 -20.45 -2.86
ZN ZN B . 2.98 -1.76 -1.52
N GLY A 1 6.90 21.58 -4.44
CA GLY A 1 5.87 20.56 -4.39
C GLY A 1 4.52 21.08 -4.86
N GLY A 2 3.49 20.24 -4.76
CA GLY A 2 2.16 20.64 -5.17
C GLY A 2 1.10 20.28 -4.16
N GLU A 3 0.03 19.64 -4.63
CA GLU A 3 -1.07 19.24 -3.76
C GLU A 3 -1.58 17.86 -4.12
N ALA A 4 -1.65 16.97 -3.13
CA ALA A 4 -2.12 15.61 -3.34
C ALA A 4 -2.29 14.87 -2.03
N LYS A 5 -3.11 13.83 -2.04
CA LYS A 5 -3.36 13.03 -0.84
C LYS A 5 -2.98 11.57 -1.07
N ALA A 6 -1.68 11.33 -1.21
CA ALA A 6 -1.18 9.97 -1.43
C ALA A 6 0.08 9.71 -0.61
N ARG A 7 -0.02 8.79 0.34
CA ARG A 7 1.11 8.45 1.19
C ARG A 7 1.77 7.16 0.73
N LEU A 8 3.01 6.94 1.17
CA LEU A 8 3.75 5.73 0.79
C LEU A 8 2.99 4.48 1.20
N CYS A 9 3.24 3.38 0.49
CA CYS A 9 2.58 2.13 0.78
C CYS A 9 2.87 1.75 2.24
N LYS A 10 1.83 1.26 2.92
CA LYS A 10 1.95 0.86 4.31
C LYS A 10 2.44 -0.58 4.42
N LEU A 11 2.43 -1.30 3.30
CA LEU A 11 2.87 -2.68 3.27
C LEU A 11 4.20 -2.81 2.54
N CYS A 12 4.46 -1.90 1.62
CA CYS A 12 5.70 -1.92 0.86
C CYS A 12 6.63 -0.87 1.44
N GLY A 13 6.03 0.21 1.94
CA GLY A 13 6.80 1.30 2.53
C GLY A 13 7.57 2.09 1.48
N GLN A 14 7.04 2.14 0.27
CA GLN A 14 7.68 2.86 -0.82
C GLN A 14 6.82 4.04 -1.28
N LYS A 15 7.41 4.92 -2.08
CA LYS A 15 6.70 6.08 -2.59
C LYS A 15 6.21 5.84 -4.01
N GLY A 16 4.91 6.08 -4.23
CA GLY A 16 4.33 5.89 -5.55
C GLY A 16 2.95 5.27 -5.49
N HIS A 17 2.78 4.29 -4.62
CA HIS A 17 1.49 3.61 -4.48
C HIS A 17 1.05 3.60 -3.02
N ASP A 18 -0.02 2.88 -2.73
CA ASP A 18 -0.55 2.78 -1.37
C ASP A 18 -0.97 1.35 -1.06
N GLU A 19 -1.25 1.09 0.22
CA GLU A 19 -1.66 -0.24 0.65
C GLU A 19 -3.01 -0.61 0.05
N ARG A 20 -3.91 0.36 -0.05
CA ARG A 20 -5.24 0.14 -0.60
C ARG A 20 -5.13 -0.47 -2.00
N SER A 21 -4.12 -0.05 -2.75
CA SER A 21 -3.92 -0.54 -4.12
C SER A 21 -2.98 -1.73 -4.12
N CYS A 22 -2.23 -1.89 -3.05
CA CYS A 22 -1.29 -3.00 -2.93
C CYS A 22 -2.09 -4.28 -2.63
N LYS A 23 -1.61 -5.38 -3.19
CA LYS A 23 -2.26 -6.67 -2.99
C LYS A 23 -2.14 -7.12 -1.54
N GLY A 24 -3.17 -6.85 -0.76
CA GLY A 24 -3.16 -7.23 0.65
C GLY A 24 -3.75 -8.61 0.88
N GLU A 25 -3.27 -9.60 0.13
CA GLU A 25 -3.77 -10.96 0.25
C GLU A 25 -2.84 -11.79 1.14
N ALA A 26 -2.47 -11.24 2.29
CA ALA A 26 -1.60 -11.92 3.23
C ALA A 26 -2.37 -12.35 4.48
N LYS A 27 -2.52 -13.67 4.64
CA LYS A 27 -3.22 -14.21 5.80
C LYS A 27 -2.61 -13.71 7.10
N GLN A 28 -3.41 -13.72 8.16
CA GLN A 28 -2.94 -13.27 9.48
C GLN A 28 -3.75 -13.92 10.59
N LYS A 29 -3.34 -13.67 11.83
CA LYS A 29 -4.02 -14.23 12.99
C LYS A 29 -4.11 -15.75 12.88
N GLN A 30 -2.97 -16.40 12.71
CA GLN A 30 -2.92 -17.85 12.59
C GLN A 30 -3.25 -18.51 13.93
N GLY A 31 -3.14 -19.84 13.97
CA GLY A 31 -3.44 -20.57 15.19
C GLY A 31 -2.75 -21.91 15.24
ZN ZN B . 2.97 -1.77 -1.51
N GLY A 1 -5.76 23.75 0.35
CA GLY A 1 -5.20 22.74 1.20
C GLY A 1 -4.88 21.46 0.45
N GLY A 2 -3.60 21.26 0.14
CA GLY A 2 -3.19 20.07 -0.58
C GLY A 2 -1.68 19.85 -0.52
N GLU A 3 -1.21 19.28 0.58
CA GLU A 3 0.21 19.02 0.75
C GLU A 3 0.48 17.52 0.83
N ALA A 4 -0.29 16.84 1.67
CA ALA A 4 -0.14 15.39 1.84
C ALA A 4 -1.11 14.62 0.96
N LYS A 5 -0.68 14.29 -0.25
CA LYS A 5 -1.51 13.56 -1.20
C LYS A 5 -0.90 12.20 -1.52
N ALA A 6 -1.62 11.13 -1.21
CA ALA A 6 -1.14 9.78 -1.48
C ALA A 6 0.14 9.49 -0.72
N ARG A 7 0.00 8.81 0.42
CA ARG A 7 1.15 8.46 1.25
C ARG A 7 1.80 7.17 0.77
N LEU A 8 3.03 6.94 1.20
CA LEU A 8 3.77 5.75 0.81
C LEU A 8 3.00 4.48 1.20
N CYS A 9 3.25 3.39 0.49
CA CYS A 9 2.58 2.14 0.78
C CYS A 9 2.87 1.76 2.23
N LYS A 10 1.83 1.28 2.90
CA LYS A 10 1.94 0.87 4.30
C LYS A 10 2.42 -0.58 4.40
N LEU A 11 2.40 -1.29 3.28
CA LEU A 11 2.84 -2.68 3.25
C LEU A 11 4.18 -2.81 2.52
N CYS A 12 4.44 -1.90 1.61
CA CYS A 12 5.68 -1.92 0.85
C CYS A 12 6.61 -0.87 1.43
N GLY A 13 6.01 0.21 1.93
CA GLY A 13 6.79 1.29 2.52
C GLY A 13 7.56 2.08 1.48
N GLN A 14 7.02 2.13 0.26
CA GLN A 14 7.66 2.86 -0.83
C GLN A 14 6.81 4.04 -1.27
N LYS A 15 7.40 4.92 -2.08
CA LYS A 15 6.70 6.09 -2.58
C LYS A 15 6.20 5.86 -4.01
N GLY A 16 4.91 6.10 -4.22
CA GLY A 16 4.34 5.92 -5.54
C GLY A 16 2.95 5.31 -5.49
N HIS A 17 2.78 4.32 -4.62
CA HIS A 17 1.49 3.64 -4.47
C HIS A 17 1.05 3.63 -3.01
N ASP A 18 -0.03 2.89 -2.74
CA ASP A 18 -0.55 2.79 -1.38
C ASP A 18 -0.97 1.36 -1.07
N GLU A 19 -1.25 1.09 0.20
CA GLU A 19 -1.66 -0.24 0.64
C GLU A 19 -3.02 -0.61 0.05
N ARG A 20 -3.91 0.38 -0.05
CA ARG A 20 -5.24 0.15 -0.59
C ARG A 20 -5.16 -0.45 -1.99
N SER A 21 -4.15 -0.04 -2.75
CA SER A 21 -3.97 -0.54 -4.11
C SER A 21 -3.02 -1.73 -4.13
N CYS A 22 -2.25 -1.88 -3.05
CA CYS A 22 -1.31 -2.98 -2.96
C CYS A 22 -2.08 -4.25 -2.64
N LYS A 23 -1.57 -5.37 -3.16
CA LYS A 23 -2.20 -6.67 -2.94
C LYS A 23 -1.97 -7.16 -1.52
N GLY A 24 -2.93 -6.88 -0.64
CA GLY A 24 -2.81 -7.30 0.75
C GLY A 24 -4.14 -7.73 1.34
N GLU A 25 -4.96 -8.39 0.53
CA GLU A 25 -6.27 -8.85 0.99
C GLU A 25 -6.42 -10.35 0.76
N ALA A 26 -5.35 -11.10 0.98
CA ALA A 26 -5.37 -12.54 0.80
C ALA A 26 -4.91 -13.26 2.07
N LYS A 27 -5.43 -14.46 2.29
CA LYS A 27 -5.07 -15.25 3.46
C LYS A 27 -5.36 -14.47 4.75
N GLN A 28 -6.58 -13.94 4.84
CA GLN A 28 -6.98 -13.18 6.02
C GLN A 28 -8.49 -13.25 6.22
N LYS A 29 -8.91 -13.80 7.35
CA LYS A 29 -10.32 -13.94 7.66
C LYS A 29 -10.96 -12.57 7.89
N GLN A 30 -11.75 -12.12 6.92
CA GLN A 30 -12.42 -10.83 7.01
C GLN A 30 -13.53 -10.86 8.05
N GLY A 31 -14.51 -11.74 7.84
CA GLY A 31 -15.62 -11.85 8.77
C GLY A 31 -15.29 -12.72 9.97
ZN ZN B . 2.97 -1.75 -1.52
N GLY A 1 -0.38 23.07 -5.08
CA GLY A 1 -1.17 21.90 -4.73
C GLY A 1 -2.42 21.78 -5.57
N GLY A 2 -2.95 20.56 -5.66
CA GLY A 2 -4.15 20.33 -6.45
C GLY A 2 -4.55 18.87 -6.50
N GLU A 3 -3.84 18.11 -7.34
CA GLU A 3 -4.11 16.68 -7.48
C GLU A 3 -4.09 15.99 -6.13
N ALA A 4 -4.93 14.96 -5.98
CA ALA A 4 -5.00 14.21 -4.73
C ALA A 4 -3.69 13.48 -4.45
N LYS A 5 -3.02 13.87 -3.38
CA LYS A 5 -1.75 13.26 -3.00
C LYS A 5 -1.98 12.01 -2.15
N ALA A 6 -1.08 11.05 -2.26
CA ALA A 6 -1.18 9.82 -1.50
C ALA A 6 0.10 9.55 -0.71
N ARG A 7 -0.03 8.77 0.36
CA ARG A 7 1.11 8.45 1.20
C ARG A 7 1.78 7.15 0.74
N LEU A 8 3.01 6.93 1.17
CA LEU A 8 3.75 5.74 0.81
C LEU A 8 2.99 4.48 1.21
N CYS A 9 3.24 3.39 0.50
CA CYS A 9 2.58 2.13 0.79
C CYS A 9 2.88 1.76 2.25
N LYS A 10 1.85 1.27 2.92
CA LYS A 10 1.96 0.87 4.32
C LYS A 10 2.46 -0.58 4.43
N LEU A 11 2.44 -1.29 3.31
CA LEU A 11 2.88 -2.68 3.28
C LEU A 11 4.22 -2.81 2.55
N CYS A 12 4.47 -1.89 1.63
CA CYS A 12 5.71 -1.91 0.87
C CYS A 12 6.64 -0.86 1.45
N GLY A 13 6.04 0.22 1.95
CA GLY A 13 6.81 1.30 2.52
C GLY A 13 7.58 2.10 1.48
N GLN A 14 7.03 2.15 0.27
CA GLN A 14 7.69 2.87 -0.82
C GLN A 14 6.82 4.04 -1.28
N LYS A 15 7.40 4.93 -2.08
CA LYS A 15 6.69 6.09 -2.59
C LYS A 15 6.20 5.85 -4.01
N GLY A 16 4.91 6.09 -4.23
CA GLY A 16 4.33 5.89 -5.54
C GLY A 16 2.95 5.28 -5.48
N HIS A 17 2.78 4.29 -4.61
CA HIS A 17 1.50 3.61 -4.47
C HIS A 17 1.06 3.59 -3.00
N ASP A 18 -0.02 2.88 -2.72
CA ASP A 18 -0.55 2.79 -1.36
C ASP A 18 -0.97 1.36 -1.05
N GLU A 19 -1.25 1.09 0.23
CA GLU A 19 -1.66 -0.24 0.66
C GLU A 19 -3.01 -0.61 0.07
N ARG A 20 -3.90 0.38 -0.03
CA ARG A 20 -5.23 0.14 -0.58
C ARG A 20 -5.14 -0.45 -1.98
N SER A 21 -4.13 -0.03 -2.74
CA SER A 21 -3.93 -0.53 -4.10
C SER A 21 -2.99 -1.73 -4.12
N CYS A 22 -2.23 -1.89 -3.04
CA CYS A 22 -1.30 -2.99 -2.93
C CYS A 22 -2.08 -4.26 -2.62
N LYS A 23 -1.67 -5.35 -3.26
CA LYS A 23 -2.31 -6.64 -3.06
C LYS A 23 -2.19 -7.10 -1.61
N GLY A 24 -3.24 -6.82 -0.83
CA GLY A 24 -3.23 -7.21 0.58
C GLY A 24 -4.21 -8.32 0.87
N GLU A 25 -5.41 -8.22 0.31
CA GLU A 25 -6.44 -9.23 0.51
C GLU A 25 -6.76 -9.96 -0.79
N ALA A 26 -5.72 -10.30 -1.54
CA ALA A 26 -5.90 -11.00 -2.81
C ALA A 26 -5.43 -12.44 -2.71
N LYS A 27 -6.14 -13.34 -3.39
CA LYS A 27 -5.80 -14.75 -3.38
C LYS A 27 -5.78 -15.32 -4.80
N GLN A 28 -5.38 -16.58 -4.92
CA GLN A 28 -5.32 -17.24 -6.23
C GLN A 28 -4.46 -16.44 -7.20
N LYS A 29 -3.31 -15.97 -6.72
CA LYS A 29 -2.41 -15.18 -7.55
C LYS A 29 -1.71 -16.06 -8.59
N GLN A 30 -1.37 -15.48 -9.73
CA GLN A 30 -0.70 -16.21 -10.79
C GLN A 30 0.82 -16.11 -10.65
N GLY A 31 1.44 -17.16 -10.14
CA GLY A 31 2.88 -17.17 -9.96
C GLY A 31 3.43 -18.56 -9.74
ZN ZN B . 2.98 -1.77 -1.50
N GLY A 1 3.31 16.81 -3.59
CA GLY A 1 2.16 17.36 -2.91
C GLY A 1 1.12 17.89 -3.87
N GLY A 2 -0.15 17.61 -3.59
CA GLY A 2 -1.22 18.07 -4.46
C GLY A 2 -2.60 17.83 -3.85
N GLU A 3 -3.57 17.55 -4.71
CA GLU A 3 -4.93 17.31 -4.25
C GLU A 3 -5.05 15.95 -3.57
N ALA A 4 -4.49 14.93 -4.22
CA ALA A 4 -4.53 13.58 -3.68
C ALA A 4 -3.69 13.47 -2.41
N LYS A 5 -2.41 13.82 -2.53
CA LYS A 5 -1.50 13.76 -1.39
C LYS A 5 -1.38 12.34 -0.86
N ALA A 6 -1.34 11.37 -1.78
CA ALA A 6 -1.21 9.97 -1.40
C ALA A 6 0.05 9.72 -0.59
N ARG A 7 -0.02 8.79 0.34
CA ARG A 7 1.12 8.45 1.19
C ARG A 7 1.79 7.15 0.72
N LEU A 8 3.02 6.93 1.16
CA LEU A 8 3.76 5.74 0.79
C LEU A 8 3.00 4.48 1.20
N CYS A 9 3.25 3.39 0.49
CA CYS A 9 2.58 2.13 0.79
C CYS A 9 2.87 1.76 2.24
N LYS A 10 1.84 1.28 2.92
CA LYS A 10 1.96 0.88 4.31
C LYS A 10 2.44 -0.56 4.43
N LEU A 11 2.43 -1.28 3.32
CA LEU A 11 2.87 -2.67 3.29
C LEU A 11 4.20 -2.81 2.56
N CYS A 12 4.46 -1.89 1.63
CA CYS A 12 5.69 -1.92 0.88
C CYS A 12 6.63 -0.86 1.45
N GLY A 13 6.03 0.22 1.95
CA GLY A 13 6.81 1.30 2.52
C GLY A 13 7.57 2.09 1.48
N GLN A 14 7.04 2.14 0.27
CA GLN A 14 7.68 2.85 -0.83
C GLN A 14 6.82 4.04 -1.28
N LYS A 15 7.41 4.91 -2.09
CA LYS A 15 6.70 6.08 -2.60
C LYS A 15 6.20 5.84 -4.02
N GLY A 16 4.91 6.07 -4.24
CA GLY A 16 4.33 5.86 -5.56
C GLY A 16 2.95 5.25 -5.50
N HIS A 17 2.78 4.27 -4.62
CA HIS A 17 1.50 3.59 -4.47
C HIS A 17 1.06 3.58 -3.01
N ASP A 18 -0.03 2.87 -2.73
CA ASP A 18 -0.55 2.78 -1.37
C ASP A 18 -0.97 1.34 -1.05
N GLU A 19 -1.25 1.09 0.23
CA GLU A 19 -1.67 -0.23 0.67
C GLU A 19 -3.01 -0.62 0.05
N ARG A 20 -3.91 0.35 -0.04
CA ARG A 20 -5.23 0.12 -0.61
C ARG A 20 -5.13 -0.48 -2.01
N SER A 21 -4.11 -0.05 -2.75
CA SER A 21 -3.90 -0.54 -4.11
C SER A 21 -2.96 -1.74 -4.11
N CYS A 22 -2.22 -1.91 -3.03
CA CYS A 22 -1.28 -3.01 -2.92
C CYS A 22 -2.07 -4.28 -2.63
N LYS A 23 -1.65 -5.38 -3.25
CA LYS A 23 -2.30 -6.66 -3.07
C LYS A 23 -2.18 -7.13 -1.62
N GLY A 24 -3.22 -6.86 -0.83
CA GLY A 24 -3.22 -7.26 0.56
C GLY A 24 -4.18 -8.39 0.85
N GLU A 25 -3.85 -9.57 0.34
CA GLU A 25 -4.70 -10.75 0.52
C GLU A 25 -3.93 -11.88 1.21
N ALA A 26 -3.15 -11.52 2.23
CA ALA A 26 -2.36 -12.49 2.96
C ALA A 26 -2.46 -12.27 4.46
N LYS A 27 -3.14 -13.18 5.15
CA LYS A 27 -3.31 -13.08 6.60
C LYS A 27 -2.71 -14.28 7.31
N GLN A 28 -1.85 -14.03 8.28
CA GLN A 28 -1.20 -15.09 9.04
C GLN A 28 -1.92 -15.33 10.36
N LYS A 29 -2.10 -16.60 10.71
CA LYS A 29 -2.77 -16.97 11.95
C LYS A 29 -2.00 -18.06 12.68
N GLN A 30 -1.30 -17.67 13.75
CA GLN A 30 -0.52 -18.61 14.54
C GLN A 30 -1.41 -19.42 15.47
N GLY A 31 -1.16 -20.72 15.55
CA GLY A 31 -1.95 -21.58 16.41
C GLY A 31 -1.36 -22.97 16.55
ZN ZN B . 2.98 -1.78 -1.48
N GLY A 1 -6.36 15.49 10.10
CA GLY A 1 -6.63 14.71 8.92
C GLY A 1 -5.79 13.44 8.87
N GLY A 2 -4.99 13.30 7.82
CA GLY A 2 -4.15 12.12 7.68
C GLY A 2 -3.60 11.97 6.28
N GLU A 3 -4.47 12.10 5.28
CA GLU A 3 -4.07 11.97 3.89
C GLU A 3 -4.61 13.13 3.05
N ALA A 4 -3.81 13.59 2.10
CA ALA A 4 -4.21 14.69 1.24
C ALA A 4 -4.09 14.30 -0.23
N LYS A 5 -3.05 13.55 -0.56
CA LYS A 5 -2.82 13.11 -1.93
C LYS A 5 -2.63 11.60 -1.99
N ALA A 6 -1.46 11.13 -1.55
CA ALA A 6 -1.16 9.70 -1.55
C ALA A 6 0.12 9.41 -0.77
N ARG A 7 -0.03 8.79 0.39
CA ARG A 7 1.12 8.46 1.22
C ARG A 7 1.78 7.16 0.75
N LEU A 8 3.03 6.95 1.19
CA LEU A 8 3.76 5.74 0.81
C LEU A 8 3.00 4.48 1.22
N CYS A 9 3.25 3.40 0.50
CA CYS A 9 2.58 2.14 0.80
C CYS A 9 2.88 1.76 2.25
N LYS A 10 1.84 1.27 2.92
CA LYS A 10 1.96 0.87 4.32
C LYS A 10 2.45 -0.57 4.43
N LEU A 11 2.44 -1.29 3.31
CA LEU A 11 2.88 -2.67 3.28
C LEU A 11 4.21 -2.80 2.55
N CYS A 12 4.47 -1.89 1.63
CA CYS A 12 5.70 -1.91 0.86
C CYS A 12 6.64 -0.85 1.44
N GLY A 13 6.04 0.22 1.94
CA GLY A 13 6.81 1.30 2.52
C GLY A 13 7.57 2.10 1.48
N GLN A 14 7.03 2.15 0.27
CA GLN A 14 7.67 2.87 -0.82
C GLN A 14 6.82 4.05 -1.27
N LYS A 15 7.40 4.93 -2.09
CA LYS A 15 6.69 6.09 -2.59
C LYS A 15 6.19 5.86 -4.01
N GLY A 16 4.90 6.11 -4.22
CA GLY A 16 4.32 5.91 -5.54
C GLY A 16 2.93 5.29 -5.47
N HIS A 17 2.77 4.30 -4.60
CA HIS A 17 1.48 3.63 -4.46
C HIS A 17 1.05 3.61 -2.99
N ASP A 18 -0.03 2.89 -2.71
CA ASP A 18 -0.54 2.79 -1.35
C ASP A 18 -0.97 1.36 -1.02
N GLU A 19 -1.26 1.11 0.25
CA GLU A 19 -1.67 -0.23 0.68
C GLU A 19 -3.01 -0.61 0.07
N ARG A 20 -3.91 0.37 -0.02
CA ARG A 20 -5.24 0.13 -0.58
C ARG A 20 -5.13 -0.46 -1.99
N SER A 21 -4.12 -0.03 -2.73
CA SER A 21 -3.91 -0.51 -4.09
C SER A 21 -2.97 -1.71 -4.10
N CYS A 22 -2.23 -1.88 -3.02
CA CYS A 22 -1.29 -2.98 -2.92
C CYS A 22 -2.08 -4.26 -2.62
N LYS A 23 -1.67 -5.34 -3.28
CA LYS A 23 -2.32 -6.63 -3.11
C LYS A 23 -2.13 -7.15 -1.68
N GLY A 24 -3.12 -6.89 -0.82
CA GLY A 24 -3.05 -7.33 0.55
C GLY A 24 -3.37 -8.80 0.70
N GLU A 25 -2.53 -9.66 0.13
CA GLU A 25 -2.74 -11.10 0.20
C GLU A 25 -1.68 -11.76 1.09
N ALA A 26 -1.94 -11.77 2.40
CA ALA A 26 -1.01 -12.38 3.35
C ALA A 26 -1.44 -13.79 3.71
N LYS A 27 -0.47 -14.70 3.74
CA LYS A 27 -0.75 -16.10 4.07
C LYS A 27 -0.14 -16.46 5.43
N GLN A 28 -0.41 -17.67 5.89
CA GLN A 28 0.12 -18.15 7.16
C GLN A 28 0.82 -19.49 7.00
N LYS A 29 1.72 -19.80 7.92
CA LYS A 29 2.46 -21.05 7.89
C LYS A 29 3.16 -21.23 6.54
N GLN A 30 3.77 -20.16 6.06
CA GLN A 30 4.48 -20.20 4.78
C GLN A 30 5.72 -19.31 4.81
N GLY A 31 6.79 -19.77 4.18
CA GLY A 31 8.02 -18.99 4.15
C GLY A 31 8.64 -18.84 5.52
ZN ZN B . 2.98 -1.75 -1.48
N GLY A 1 7.72 19.00 -9.51
CA GLY A 1 8.10 18.91 -8.12
C GLY A 1 7.48 17.72 -7.41
N GLY A 2 6.16 17.71 -7.33
CA GLY A 2 5.46 16.63 -6.68
C GLY A 2 3.99 16.58 -7.02
N GLU A 3 3.20 17.43 -6.35
CA GLU A 3 1.77 17.47 -6.60
C GLU A 3 1.13 16.10 -6.42
N ALA A 4 1.37 15.48 -5.26
CA ALA A 4 0.82 14.17 -4.98
C ALA A 4 -0.18 14.22 -3.82
N LYS A 5 -1.18 13.36 -3.87
CA LYS A 5 -2.20 13.30 -2.83
C LYS A 5 -2.34 11.89 -2.26
N ALA A 6 -1.20 11.26 -2.00
CA ALA A 6 -1.19 9.91 -1.45
C ALA A 6 0.08 9.65 -0.65
N ARG A 7 -0.03 8.78 0.35
CA ARG A 7 1.12 8.44 1.20
C ARG A 7 1.77 7.16 0.73
N LEU A 8 3.02 6.94 1.17
CA LEU A 8 3.75 5.73 0.79
C LEU A 8 2.99 4.48 1.20
N CYS A 9 3.24 3.39 0.50
CA CYS A 9 2.58 2.13 0.79
C CYS A 9 2.88 1.76 2.25
N LYS A 10 1.84 1.27 2.92
CA LYS A 10 1.96 0.88 4.32
C LYS A 10 2.44 -0.57 4.44
N LEU A 11 2.43 -1.29 3.31
CA LEU A 11 2.87 -2.67 3.29
C LEU A 11 4.20 -2.81 2.55
N CYS A 12 4.46 -1.89 1.64
CA CYS A 12 5.70 -1.91 0.87
C CYS A 12 6.64 -0.86 1.45
N GLY A 13 6.03 0.22 1.95
CA GLY A 13 6.81 1.30 2.52
C GLY A 13 7.57 2.08 1.48
N GLN A 14 7.04 2.14 0.27
CA GLN A 14 7.68 2.86 -0.82
C GLN A 14 6.82 4.04 -1.28
N LYS A 15 7.40 4.92 -2.09
CA LYS A 15 6.69 6.08 -2.60
C LYS A 15 6.19 5.84 -4.02
N GLY A 16 4.91 6.08 -4.23
CA GLY A 16 4.32 5.88 -5.55
C GLY A 16 2.95 5.27 -5.49
N HIS A 17 2.77 4.28 -4.62
CA HIS A 17 1.49 3.61 -4.46
C HIS A 17 1.05 3.59 -3.00
N ASP A 18 -0.03 2.87 -2.72
CA ASP A 18 -0.54 2.78 -1.36
C ASP A 18 -0.97 1.34 -1.05
N GLU A 19 -1.25 1.09 0.23
CA GLU A 19 -1.67 -0.24 0.67
C GLU A 19 -3.01 -0.62 0.05
N ARG A 20 -3.91 0.37 -0.04
CA ARG A 20 -5.23 0.14 -0.59
C ARG A 20 -5.13 -0.47 -2.00
N SER A 21 -4.12 -0.04 -2.75
CA SER A 21 -3.91 -0.53 -4.11
C SER A 21 -2.97 -1.73 -4.12
N CYS A 22 -2.23 -1.90 -3.04
CA CYS A 22 -1.29 -3.00 -2.92
C CYS A 22 -2.08 -4.28 -2.63
N LYS A 23 -1.65 -5.37 -3.25
CA LYS A 23 -2.30 -6.66 -3.07
C LYS A 23 -2.20 -7.11 -1.61
N GLY A 24 -3.25 -6.83 -0.84
CA GLY A 24 -3.28 -7.21 0.56
C GLY A 24 -4.36 -8.23 0.87
N GLU A 25 -4.42 -9.29 0.08
CA GLU A 25 -5.43 -10.33 0.27
C GLU A 25 -4.78 -11.66 0.64
N ALA A 26 -4.60 -11.89 1.93
CA ALA A 26 -3.99 -13.12 2.43
C ALA A 26 -5.05 -14.08 2.98
N LYS A 27 -4.95 -15.34 2.59
CA LYS A 27 -5.89 -16.35 3.04
C LYS A 27 -5.67 -16.69 4.52
N GLN A 28 -6.74 -16.70 5.30
CA GLN A 28 -6.65 -17.00 6.72
C GLN A 28 -6.84 -18.49 6.97
N LYS A 29 -5.95 -19.07 7.77
CA LYS A 29 -6.01 -20.49 8.09
C LYS A 29 -6.33 -20.70 9.56
N GLN A 30 -7.43 -21.41 9.84
CA GLN A 30 -7.84 -21.68 11.21
C GLN A 30 -7.79 -23.17 11.51
N GLY A 31 -6.58 -23.70 11.66
CA GLY A 31 -6.41 -25.11 11.94
C GLY A 31 -5.43 -25.36 13.08
ZN ZN B . 2.97 -1.78 -1.49
#